data_7Y08
#
_entry.id   7Y08
#
_cell.length_a   67.288
_cell.length_b   67.288
_cell.length_c   141.017
_cell.angle_alpha   90.000
_cell.angle_beta   90.000
_cell.angle_gamma   90.000
#
_symmetry.space_group_name_H-M   'P 41 21 2'
#
loop_
_entity.id
_entity.type
_entity.pdbx_description
1 polymer 'Ricin A chain'
2 non-polymer N-[(2-amino-4-oxo-1,4-dihydropteridin-7-yl)carbonyl]glycyl-L-phenylalanine
3 non-polymer 'SULFATE ION'
4 water water
#
_entity_poly.entity_id   1
_entity_poly.type   'polypeptide(L)'
_entity_poly.pdbx_seq_one_letter_code
;MHHHHHHIFPKQYPIINFTTAGATVQSYTNFIRAVRGRLTTGADVRHEIPVLPNRVGLPINQRFILVELSNHAELSVTLA
LDVTNAYVVGYRAGNSAYFFHPDNQEDAEAITHLFTDVQNRYTFAFGGNYDRLEQLAGNLRENIELGNGPLEEAISALYY
YSTGGTQLPTLARSFIICIQMISEAARFQYIEGEMRTRIRYNRRSAPDPSVITLENSWGRLSTAIQESNQGAFASPIQLQ
RRNGSKFSVYDVSILIPIIALMVYRCAPPPSSQF
;
_entity_poly.pdbx_strand_id   A
#
# COMPACT_ATOMS: atom_id res chain seq x y z
N TYR A 13 14.82 -3.38 -11.05
CA TYR A 13 13.57 -3.84 -10.37
C TYR A 13 12.38 -3.82 -11.34
N PRO A 14 11.41 -4.75 -11.17
CA PRO A 14 10.23 -4.79 -12.03
C PRO A 14 9.38 -3.53 -11.93
N ILE A 15 8.85 -3.09 -13.06
CA ILE A 15 8.01 -1.89 -13.15
C ILE A 15 6.58 -2.27 -13.54
N ILE A 16 5.61 -1.74 -12.79
CA ILE A 16 4.19 -1.86 -13.14
C ILE A 16 3.67 -0.45 -13.45
N ASN A 17 3.00 -0.31 -14.58
CA ASN A 17 2.47 0.98 -15.02
C ASN A 17 0.98 1.12 -14.75
N PHE A 18 0.58 2.29 -14.28
CA PHE A 18 -0.83 2.68 -14.20
C PHE A 18 -0.99 4.13 -14.58
N THR A 19 -2.06 4.42 -15.31
CA THR A 19 -2.45 5.79 -15.54
C THR A 19 -3.87 6.10 -15.08
N THR A 20 -4.05 7.28 -14.51
CA THR A 20 -5.37 7.77 -14.16
C THR A 20 -6.12 8.27 -15.39
N ALA A 21 -5.40 8.58 -16.46
CA ALA A 21 -5.98 9.05 -17.72
C ALA A 21 -6.86 7.96 -18.31
N GLY A 22 -8.17 8.22 -18.36
CA GLY A 22 -9.16 7.27 -18.85
C GLY A 22 -9.23 5.96 -18.07
N ALA A 23 -8.87 6.00 -16.79
CA ALA A 23 -8.89 4.81 -15.93
C ALA A 23 -10.30 4.22 -15.84
N THR A 24 -10.36 2.90 -15.87
CA THR A 24 -11.62 2.17 -15.70
C THR A 24 -11.43 1.14 -14.61
N VAL A 25 -12.54 0.53 -14.19
CA VAL A 25 -12.51 -0.60 -13.24
C VAL A 25 -11.54 -1.66 -13.75
N GLN A 26 -11.63 -2.01 -15.04
CA GLN A 26 -10.77 -3.04 -15.62
C GLN A 26 -9.29 -2.67 -15.60
N SER A 27 -8.94 -1.44 -16.01
CA SER A 27 -7.53 -1.05 -16.05
C SER A 27 -6.92 -0.97 -14.65
N TYR A 28 -7.71 -0.50 -13.68
CA TYR A 28 -7.29 -0.49 -12.28
C TYR A 28 -7.13 -1.90 -11.71
N THR A 29 -8.09 -2.78 -11.99
CA THR A 29 -8.04 -4.19 -11.59
C THR A 29 -6.78 -4.88 -12.16
N ASN A 30 -6.52 -4.67 -13.44
CA ASN A 30 -5.30 -5.21 -14.10
C ASN A 30 -4.04 -4.75 -13.37
N PHE A 31 -4.00 -3.46 -13.05
CA PHE A 31 -2.90 -2.85 -12.33
C PHE A 31 -2.66 -3.49 -10.95
N ILE A 32 -3.71 -3.55 -10.13
CA ILE A 32 -3.60 -4.11 -8.77
C ILE A 32 -3.18 -5.59 -8.82
N ARG A 33 -3.77 -6.35 -9.74
CA ARG A 33 -3.37 -7.75 -9.95
C ARG A 33 -1.89 -7.89 -10.30
N ALA A 34 -1.41 -7.02 -11.19
CA ALA A 34 0.01 -7.03 -11.59
C ALA A 34 0.93 -6.67 -10.41
N VAL A 35 0.52 -5.70 -9.58
CA VAL A 35 1.27 -5.32 -8.38
C VAL A 35 1.39 -6.52 -7.44
N ARG A 36 0.26 -7.17 -7.14
CA ARG A 36 0.25 -8.37 -6.31
C ARG A 36 1.17 -9.47 -6.85
N GLY A 37 1.13 -9.67 -8.17
CA GLY A 37 1.95 -10.67 -8.86
C GLY A 37 3.44 -10.42 -8.74
N ARG A 38 3.84 -9.14 -8.66
CA ARG A 38 5.24 -8.76 -8.48
C ARG A 38 5.67 -8.73 -7.01
N LEU A 39 4.69 -8.52 -6.12
CA LEU A 39 4.96 -8.51 -4.68
C LEU A 39 5.22 -9.91 -4.12
N THR A 40 4.45 -10.88 -4.59
CA THR A 40 4.47 -12.25 -4.07
C THR A 40 4.76 -13.30 -5.13
N THR A 41 5.38 -14.39 -4.69
CA THR A 41 5.40 -15.65 -5.45
C THR A 41 4.20 -16.50 -5.01
N GLY A 42 4.12 -17.74 -5.48
CA GLY A 42 3.13 -18.70 -4.99
C GLY A 42 3.69 -19.63 -3.93
N ALA A 43 4.86 -19.27 -3.39
CA ALA A 43 5.60 -20.09 -2.43
C ALA A 43 4.93 -20.19 -1.06
N ASP A 44 4.27 -19.11 -0.63
CA ASP A 44 3.74 -19.01 0.72
C ASP A 44 2.28 -18.58 0.66
N VAL A 45 1.39 -19.56 0.76
CA VAL A 45 -0.05 -19.35 0.72
C VAL A 45 -0.65 -20.11 1.89
N ARG A 46 -1.30 -19.37 2.80
CA ARG A 46 -1.85 -19.95 4.03
C ARG A 46 -3.32 -19.62 4.15
N HIS A 47 -4.13 -20.68 4.24
CA HIS A 47 -5.60 -20.60 4.21
C HIS A 47 -6.10 -19.81 2.99
N GLU A 48 -5.51 -20.13 1.84
CA GLU A 48 -5.77 -19.48 0.54
C GLU A 48 -5.23 -18.05 0.41
N ILE A 49 -4.61 -17.54 1.47
CA ILE A 49 -4.09 -16.16 1.48
C ILE A 49 -2.57 -16.11 1.34
N PRO A 50 -2.09 -15.50 0.23
CA PRO A 50 -0.66 -15.32 -0.01
C PRO A 50 0.04 -14.48 1.06
N VAL A 51 1.28 -14.85 1.34
CA VAL A 51 2.15 -14.12 2.26
C VAL A 51 3.29 -13.50 1.45
N LEU A 52 3.64 -12.27 1.80
CA LEU A 52 4.76 -11.56 1.21
C LEU A 52 6.09 -12.22 1.61
N PRO A 53 7.17 -12.01 0.82
CA PRO A 53 8.45 -12.64 1.17
C PRO A 53 8.97 -12.20 2.53
N ASN A 54 9.59 -13.15 3.22
CA ASN A 54 10.28 -12.90 4.47
C ASN A 54 11.46 -11.96 4.24
N ARG A 55 11.52 -10.89 5.04
CA ARG A 55 12.62 -9.93 5.05
C ARG A 55 13.98 -10.60 5.30
N VAL A 56 13.98 -11.58 6.21
CA VAL A 56 15.20 -12.25 6.67
C VAL A 56 15.84 -13.03 5.53
N GLY A 57 17.05 -12.61 5.16
CA GLY A 57 17.81 -13.23 4.06
C GLY A 57 17.33 -12.91 2.66
N LEU A 58 16.40 -11.96 2.51
CA LEU A 58 15.91 -11.59 1.19
C LEU A 58 16.98 -10.82 0.41
N PRO A 59 17.42 -11.34 -0.75
CA PRO A 59 18.47 -10.66 -1.51
C PRO A 59 18.01 -9.28 -1.99
N ILE A 60 18.93 -8.34 -2.01
CA ILE A 60 18.64 -6.94 -2.36
C ILE A 60 18.05 -6.78 -3.77
N ASN A 61 18.47 -7.63 -4.71
CA ASN A 61 17.94 -7.62 -6.07
C ASN A 61 16.46 -8.04 -6.17
N GLN A 62 15.91 -8.55 -5.07
CA GLN A 62 14.51 -9.00 -5.00
C GLN A 62 13.67 -8.17 -4.03
N ARG A 63 14.23 -7.06 -3.55
CA ARG A 63 13.64 -6.32 -2.43
C ARG A 63 12.53 -5.33 -2.79
N PHE A 64 12.60 -4.77 -3.99
CA PHE A 64 11.69 -3.69 -4.37
C PHE A 64 10.97 -3.94 -5.69
N ILE A 65 9.81 -3.31 -5.81
CA ILE A 65 9.14 -3.15 -7.11
C ILE A 65 8.88 -1.66 -7.35
N LEU A 66 8.68 -1.30 -8.61
CA LEU A 66 8.46 0.08 -9.00
C LEU A 66 7.08 0.24 -9.63
N VAL A 67 6.37 1.27 -9.20
CA VAL A 67 5.05 1.58 -9.70
C VAL A 67 5.14 2.93 -10.40
N GLU A 68 5.07 2.90 -11.73
CA GLU A 68 5.13 4.11 -12.55
C GLU A 68 3.72 4.63 -12.77
N LEU A 69 3.44 5.78 -12.17
CA LEU A 69 2.13 6.41 -12.25
C LEU A 69 2.14 7.56 -13.24
N SER A 70 1.23 7.51 -14.20
CA SER A 70 1.04 8.60 -15.15
C SER A 70 -0.35 9.18 -14.97
N ASN A 71 -0.55 10.41 -15.43
CA ASN A 71 -1.85 11.05 -15.35
C ASN A 71 -2.26 11.76 -16.65
N HIS A 72 -3.48 12.30 -16.67
CA HIS A 72 -4.00 13.01 -17.84
C HIS A 72 -3.20 14.27 -18.18
N ALA A 73 -2.58 14.86 -17.16
CA ALA A 73 -1.70 16.03 -17.32
C ALA A 73 -0.34 15.70 -17.96
N GLU A 74 -0.18 14.44 -18.40
CA GLU A 74 1.06 13.93 -19.02
C GLU A 74 2.29 14.01 -18.11
N LEU A 75 2.06 13.79 -16.81
CA LEU A 75 3.13 13.75 -15.83
C LEU A 75 3.27 12.33 -15.29
N SER A 76 4.50 11.96 -14.96
CA SER A 76 4.80 10.64 -14.40
C SER A 76 5.64 10.75 -13.14
N VAL A 77 5.30 9.91 -12.16
CA VAL A 77 6.14 9.68 -10.97
C VAL A 77 6.29 8.17 -10.79
N THR A 78 7.38 7.75 -10.16
CA THR A 78 7.60 6.33 -9.88
C THR A 78 7.72 6.11 -8.38
N LEU A 79 6.80 5.31 -7.84
CA LEU A 79 6.86 4.91 -6.44
C LEU A 79 7.70 3.66 -6.31
N ALA A 80 8.47 3.57 -5.22
CA ALA A 80 9.18 2.35 -4.89
C ALA A 80 8.47 1.66 -3.74
N LEU A 81 8.15 0.38 -3.94
CA LEU A 81 7.49 -0.43 -2.91
C LEU A 81 8.41 -1.54 -2.43
N ASP A 82 8.46 -1.69 -1.11
CA ASP A 82 9.18 -2.76 -0.44
C ASP A 82 8.30 -4.01 -0.53
N VAL A 83 8.84 -5.09 -1.10
CA VAL A 83 8.06 -6.33 -1.30
C VAL A 83 7.68 -7.03 0.00
N THR A 84 8.41 -6.73 1.08
CA THR A 84 8.16 -7.41 2.36
C THR A 84 6.88 -6.94 3.02
N ASN A 85 6.42 -5.74 2.68
CA ASN A 85 5.23 -5.17 3.34
C ASN A 85 4.35 -4.31 2.41
N ALA A 86 4.71 -4.24 1.13
CA ALA A 86 4.06 -3.36 0.13
C ALA A 86 4.16 -1.86 0.44
N TYR A 87 5.07 -1.50 1.35
CA TYR A 87 5.24 -0.14 1.83
C TYR A 87 5.86 0.76 0.77
N VAL A 88 5.30 1.96 0.61
CA VAL A 88 5.87 2.97 -0.28
C VAL A 88 7.04 3.60 0.47
N VAL A 89 8.26 3.31 0.02
CA VAL A 89 9.47 3.79 0.73
C VAL A 89 9.98 5.13 0.18
N GLY A 90 9.52 5.51 -1.00
CA GLY A 90 9.92 6.75 -1.60
C GLY A 90 9.43 6.84 -3.03
N TYR A 91 9.84 7.90 -3.71
CA TYR A 91 9.45 8.11 -5.10
C TYR A 91 10.48 8.89 -5.91
N ARG A 92 10.38 8.77 -7.23
CA ARG A 92 11.16 9.55 -8.18
C ARG A 92 10.24 10.39 -9.06
N ALA A 93 10.58 11.66 -9.20
CA ALA A 93 9.98 12.53 -10.20
C ALA A 93 11.11 13.22 -10.96
N GLY A 94 11.30 12.81 -12.22
CA GLY A 94 12.37 13.31 -13.08
C GLY A 94 13.75 13.13 -12.48
N ASN A 95 14.41 14.25 -12.18
CA ASN A 95 15.79 14.27 -11.69
C ASN A 95 15.93 14.32 -10.16
N SER A 96 14.83 14.12 -9.44
CA SER A 96 14.84 14.08 -7.98
C SER A 96 14.14 12.84 -7.42
N ALA A 97 14.71 12.29 -6.34
CA ALA A 97 14.09 11.20 -5.60
C ALA A 97 14.02 11.53 -4.11
N TYR A 98 12.94 11.08 -3.49
CA TYR A 98 12.67 11.35 -2.08
C TYR A 98 12.31 10.07 -1.37
N PHE A 99 12.95 9.83 -0.22
CA PHE A 99 12.70 8.64 0.57
C PHE A 99 12.25 9.03 1.96
N PHE A 100 11.29 8.29 2.50
CA PHE A 100 10.90 8.46 3.89
C PHE A 100 12.04 8.04 4.82
N HIS A 101 12.07 8.63 6.02
CA HIS A 101 13.06 8.32 7.05
C HIS A 101 13.06 6.81 7.34
N PRO A 102 14.20 6.12 7.07
CA PRO A 102 14.24 4.67 7.28
C PRO A 102 14.15 4.26 8.75
N ASP A 103 13.55 3.10 9.00
CA ASP A 103 13.36 2.54 10.34
C ASP A 103 14.67 2.09 10.99
N ASN A 104 15.62 1.67 10.16
CA ASN A 104 16.88 1.07 10.61
C ASN A 104 17.98 1.21 9.56
N GLN A 105 19.21 0.83 9.93
CA GLN A 105 20.36 0.91 9.05
C GLN A 105 20.25 0.02 7.81
N GLU A 106 19.70 -1.18 7.99
CA GLU A 106 19.48 -2.12 6.89
C GLU A 106 18.57 -1.53 5.80
N ASP A 107 17.47 -0.92 6.23
CA ASP A 107 16.55 -0.24 5.31
C ASP A 107 17.19 0.98 4.64
N ALA A 108 17.99 1.72 5.40
CA ALA A 108 18.76 2.86 4.87
C ALA A 108 19.74 2.42 3.78
N GLU A 109 20.42 1.29 4.00
CA GLU A 109 21.28 0.70 2.98
C GLU A 109 20.47 0.24 1.77
N ALA A 110 19.33 -0.41 2.03
CA ALA A 110 18.49 -0.97 0.98
C ALA A 110 18.04 0.07 -0.05
N ILE A 111 17.63 1.25 0.42
CA ILE A 111 17.13 2.31 -0.47
C ILE A 111 18.20 2.98 -1.35
N THR A 112 19.48 2.77 -1.01
CA THR A 112 20.59 3.23 -1.88
C THR A 112 20.63 2.47 -3.22
N HIS A 113 19.91 1.36 -3.28
CA HIS A 113 19.79 0.55 -4.49
C HIS A 113 18.63 1.00 -5.39
N LEU A 114 17.89 2.02 -4.95
CA LEU A 114 16.76 2.58 -5.69
C LEU A 114 17.12 3.89 -6.38
N PHE A 115 16.65 4.03 -7.62
CA PHE A 115 16.84 5.24 -8.45
C PHE A 115 18.30 5.70 -8.45
N THR A 116 19.20 4.79 -8.80
CA THR A 116 20.66 5.00 -8.68
C THR A 116 21.23 6.01 -9.68
N ASP A 117 20.50 6.26 -10.76
CA ASP A 117 20.92 7.19 -11.82
C ASP A 117 20.41 8.62 -11.60
N VAL A 118 19.59 8.81 -10.55
CA VAL A 118 18.97 10.10 -10.26
C VAL A 118 19.99 11.15 -9.77
N GLN A 119 19.82 12.39 -10.22
CA GLN A 119 20.77 13.48 -9.94
C GLN A 119 20.70 13.99 -8.50
N ASN A 120 19.49 14.05 -7.96
CA ASN A 120 19.23 14.59 -6.63
C ASN A 120 18.53 13.58 -5.73
N ARG A 121 19.20 13.18 -4.65
CA ARG A 121 18.68 12.21 -3.69
C ARG A 121 18.40 12.89 -2.36
N TYR A 122 17.19 12.71 -1.85
CA TYR A 122 16.80 13.25 -0.55
C TYR A 122 16.16 12.19 0.32
N THR A 123 16.49 12.23 1.60
CA THR A 123 15.77 11.48 2.61
C THR A 123 15.04 12.46 3.50
N PHE A 124 13.72 12.32 3.58
CA PHE A 124 12.89 13.07 4.52
C PHE A 124 13.30 12.73 5.96
N ALA A 125 13.22 13.71 6.85
CA ALA A 125 13.48 13.48 8.28
C ALA A 125 12.33 12.75 8.97
N PHE A 126 11.15 12.80 8.33
CA PHE A 126 9.94 12.16 8.85
C PHE A 126 9.71 10.79 8.24
N GLY A 127 9.12 9.90 9.03
CA GLY A 127 8.70 8.57 8.56
C GLY A 127 7.46 8.66 7.69
N GLY A 128 7.17 7.58 6.98
CA GLY A 128 6.06 7.55 6.02
C GLY A 128 4.76 6.96 6.51
N ASN A 129 4.66 6.65 7.80
CA ASN A 129 3.43 6.09 8.37
C ASN A 129 2.27 7.09 8.36
N TYR A 130 1.05 6.57 8.36
CA TYR A 130 -0.15 7.43 8.32
C TYR A 130 -0.19 8.49 9.41
N ASP A 131 0.15 8.10 10.65
CA ASP A 131 0.13 9.01 11.79
C ASP A 131 0.94 10.27 11.53
N ARG A 132 2.17 10.10 11.03
CA ARG A 132 3.05 11.21 10.67
C ARG A 132 2.53 12.00 9.46
N LEU A 133 2.08 11.29 8.43
CA LEU A 133 1.58 11.92 7.22
C LEU A 133 0.30 12.73 7.44
N GLU A 134 -0.58 12.21 8.29
CA GLU A 134 -1.81 12.92 8.70
C GLU A 134 -1.51 14.21 9.46
N GLN A 135 -0.53 14.15 10.36
CA GLN A 135 -0.02 15.31 11.09
C GLN A 135 0.45 16.40 10.13
N LEU A 136 1.26 16.01 9.15
CA LEU A 136 1.80 16.94 8.14
C LEU A 136 0.74 17.46 7.19
N ALA A 137 -0.21 16.60 6.80
CA ALA A 137 -1.32 16.97 5.93
C ALA A 137 -2.32 17.92 6.59
N GLY A 138 -2.41 17.85 7.92
CA GLY A 138 -3.42 18.59 8.67
C GLY A 138 -4.81 17.98 8.54
N ASN A 139 -4.86 16.73 8.08
CA ASN A 139 -6.09 15.98 7.91
C ASN A 139 -5.89 14.49 8.16
N LEU A 140 -6.89 13.87 8.77
CA LEU A 140 -6.92 12.42 8.95
C LEU A 140 -7.36 11.74 7.66
N ARG A 141 -7.03 10.46 7.52
CA ARG A 141 -7.49 9.64 6.40
C ARG A 141 -9.00 9.73 6.17
N GLU A 142 -9.78 9.73 7.25
CA GLU A 142 -11.25 9.83 7.18
C GLU A 142 -11.77 11.12 6.53
N ASN A 143 -10.91 12.12 6.37
CA ASN A 143 -11.26 13.39 5.75
C ASN A 143 -10.50 13.70 4.46
N ILE A 144 -9.84 12.68 3.91
CA ILE A 144 -9.10 12.80 2.66
C ILE A 144 -9.79 11.95 1.60
N GLU A 145 -10.32 12.61 0.57
CA GLU A 145 -11.05 11.93 -0.51
C GLU A 145 -10.14 11.08 -1.37
N LEU A 146 -10.64 9.91 -1.72
CA LEU A 146 -9.93 8.96 -2.60
C LEU A 146 -10.72 8.75 -3.87
N GLY A 147 -10.03 8.31 -4.92
CA GLY A 147 -10.65 8.08 -6.22
C GLY A 147 -9.69 8.46 -7.33
N ASN A 148 -10.15 8.36 -8.57
CA ASN A 148 -9.31 8.66 -9.72
C ASN A 148 -8.85 10.12 -9.77
N GLY A 149 -9.79 11.04 -9.49
CA GLY A 149 -9.50 12.47 -9.40
C GLY A 149 -8.43 12.80 -8.37
N PRO A 150 -8.63 12.35 -7.10
CA PRO A 150 -7.56 12.52 -6.10
C PRO A 150 -6.21 11.95 -6.53
N LEU A 151 -6.19 10.77 -7.17
CA LEU A 151 -4.95 10.16 -7.62
C LEU A 151 -4.27 10.95 -8.74
N GLU A 152 -5.08 11.39 -9.73
CA GLU A 152 -4.64 12.31 -10.80
C GLU A 152 -3.93 13.53 -10.20
N GLU A 153 -4.57 14.15 -9.21
CA GLU A 153 -4.05 15.33 -8.52
C GLU A 153 -2.81 15.02 -7.68
N ALA A 154 -2.80 13.86 -7.02
CA ALA A 154 -1.67 13.40 -6.22
C ALA A 154 -0.40 13.22 -7.06
N ILE A 155 -0.54 12.65 -8.26
CA ILE A 155 0.58 12.46 -9.18
C ILE A 155 1.21 13.80 -9.55
N SER A 156 0.37 14.79 -9.88
CA SER A 156 0.84 16.15 -10.18
C SER A 156 1.55 16.81 -9.00
N ALA A 157 0.98 16.67 -7.79
CA ALA A 157 1.57 17.23 -6.56
C ALA A 157 2.95 16.65 -6.25
N LEU A 158 3.09 15.32 -6.38
CA LEU A 158 4.38 14.65 -6.24
C LEU A 158 5.39 15.12 -7.29
N TYR A 159 4.92 15.25 -8.55
CA TYR A 159 5.76 15.71 -9.65
C TYR A 159 6.37 17.09 -9.40
N TYR A 160 5.55 18.03 -8.90
CA TYR A 160 5.96 19.42 -8.74
C TYR A 160 6.63 19.79 -7.40
N TYR A 161 6.84 18.80 -6.54
CA TYR A 161 7.43 19.05 -5.21
C TYR A 161 8.85 19.66 -5.26
N SER A 162 9.69 19.13 -6.13
CA SER A 162 11.09 19.57 -6.24
C SER A 162 11.28 21.01 -6.74
N THR A 163 10.27 21.55 -7.42
CA THR A 163 10.36 22.91 -7.98
C THR A 163 9.64 23.99 -7.17
N GLY A 164 9.05 23.60 -6.04
CA GLY A 164 8.42 24.55 -5.12
C GLY A 164 6.92 24.74 -5.25
N GLY A 165 6.30 23.98 -6.17
CA GLY A 165 4.87 24.10 -6.46
C GLY A 165 3.94 23.44 -5.47
N THR A 166 4.48 22.54 -4.65
CA THR A 166 3.67 21.73 -3.73
C THR A 166 4.05 21.99 -2.27
N GLN A 167 3.11 22.52 -1.48
CA GLN A 167 3.30 22.68 -0.05
C GLN A 167 3.33 21.30 0.64
N LEU A 168 4.04 21.22 1.77
CA LEU A 168 4.18 19.97 2.51
C LEU A 168 2.86 19.29 2.90
N PRO A 169 1.84 20.06 3.38
CA PRO A 169 0.55 19.38 3.66
C PRO A 169 -0.08 18.70 2.43
N THR A 170 0.04 19.33 1.26
CA THR A 170 -0.46 18.76 0.00
C THR A 170 0.33 17.52 -0.42
N LEU A 171 1.66 17.57 -0.24
CA LEU A 171 2.51 16.40 -0.50
C LEU A 171 2.12 15.21 0.38
N ALA A 172 1.95 15.47 1.68
CA ALA A 172 1.56 14.47 2.67
C ALA A 172 0.20 13.85 2.32
N ARG A 173 -0.77 14.72 1.99
CA ARG A 173 -2.10 14.30 1.54
CA ARG A 173 -2.10 14.28 1.55
C ARG A 173 -2.01 13.40 0.31
N SER A 174 -1.15 13.79 -0.63
CA SER A 174 -0.94 13.08 -1.88
C SER A 174 -0.31 11.70 -1.67
N PHE A 175 0.63 11.60 -0.72
CA PHE A 175 1.17 10.30 -0.30
C PHE A 175 0.06 9.40 0.26
N ILE A 176 -0.76 9.97 1.14
CA ILE A 176 -1.89 9.26 1.76
C ILE A 176 -2.83 8.66 0.70
N ILE A 177 -3.12 9.44 -0.35
CA ILE A 177 -3.92 8.99 -1.49
C ILE A 177 -3.25 7.81 -2.21
N CYS A 178 -1.98 7.99 -2.60
CA CYS A 178 -1.23 6.96 -3.32
C CYS A 178 -1.11 5.65 -2.55
N ILE A 179 -0.77 5.76 -1.27
CA ILE A 179 -0.59 4.59 -0.41
C ILE A 179 -1.87 3.75 -0.36
N GLN A 180 -3.01 4.39 -0.14
CA GLN A 180 -4.27 3.67 -0.02
C GLN A 180 -4.73 3.06 -1.34
N MET A 181 -4.53 3.79 -2.44
CA MET A 181 -5.02 3.35 -3.74
C MET A 181 -4.13 2.31 -4.40
N ILE A 182 -2.91 2.15 -3.89
CA ILE A 182 -1.94 1.20 -4.44
C ILE A 182 -1.64 0.11 -3.41
N SER A 183 -0.96 0.47 -2.33
CA SER A 183 -0.53 -0.49 -1.32
C SER A 183 -1.70 -1.16 -0.59
N GLU A 184 -2.66 -0.36 -0.11
CA GLU A 184 -3.79 -0.93 0.63
C GLU A 184 -4.71 -1.75 -0.26
N ALA A 185 -4.88 -1.28 -1.49
CA ALA A 185 -5.65 -2.02 -2.49
C ALA A 185 -4.99 -3.34 -2.83
N ALA A 186 -3.65 -3.36 -2.91
CA ALA A 186 -2.91 -4.60 -3.10
C ALA A 186 -3.09 -5.56 -1.93
N ARG A 187 -3.05 -5.01 -0.71
CA ARG A 187 -3.18 -5.81 0.52
C ARG A 187 -4.58 -6.39 0.72
N PHE A 188 -5.61 -5.66 0.29
CA PHE A 188 -7.00 -6.01 0.58
C PHE A 188 -7.87 -5.96 -0.67
N GLN A 189 -8.43 -7.09 -1.09
CA GLN A 189 -9.45 -7.09 -2.16
C GLN A 189 -10.60 -6.15 -1.82
N TYR A 190 -10.94 -6.06 -0.53
CA TYR A 190 -12.00 -5.18 -0.08
C TYR A 190 -11.71 -3.71 -0.42
N ILE A 191 -10.47 -3.28 -0.19
CA ILE A 191 -10.08 -1.91 -0.46
C ILE A 191 -9.94 -1.68 -1.98
N GLU A 192 -9.40 -2.66 -2.69
CA GLU A 192 -9.45 -2.66 -4.14
C GLU A 192 -10.88 -2.43 -4.67
N GLY A 193 -11.83 -3.17 -4.10
CA GLY A 193 -13.25 -3.03 -4.45
C GLY A 193 -13.80 -1.64 -4.20
N GLU A 194 -13.44 -1.06 -3.05
CA GLU A 194 -13.82 0.31 -2.70
C GLU A 194 -13.27 1.34 -3.69
N MET A 195 -12.05 1.12 -4.17
CA MET A 195 -11.46 2.01 -5.16
C MET A 195 -12.07 1.81 -6.55
N ARG A 196 -12.36 0.56 -6.89
CA ARG A 196 -13.07 0.22 -8.13
C ARG A 196 -14.40 0.96 -8.24
N THR A 197 -15.16 0.98 -7.14
CA THR A 197 -16.44 1.70 -7.06
C THR A 197 -16.27 3.20 -7.36
N ARG A 198 -15.30 3.83 -6.71
CA ARG A 198 -14.99 5.24 -6.92
C ARG A 198 -14.61 5.53 -8.37
N ILE A 199 -13.82 4.64 -8.96
CA ILE A 199 -13.37 4.77 -10.36
C ILE A 199 -14.55 4.58 -11.31
N ARG A 200 -15.38 3.56 -11.07
CA ARG A 200 -16.55 3.28 -11.91
C ARG A 200 -17.45 4.50 -12.08
N TYR A 201 -17.75 5.17 -10.98
CA TYR A 201 -18.67 6.30 -10.99
C TYR A 201 -18.00 7.67 -11.09
N ASN A 202 -16.66 7.65 -11.14
CA ASN A 202 -15.84 8.87 -11.15
C ASN A 202 -16.25 9.87 -10.06
N ARG A 203 -16.47 9.31 -8.86
CA ARG A 203 -16.88 10.10 -7.71
C ARG A 203 -15.91 9.86 -6.57
N ARG A 204 -15.23 10.93 -6.16
CA ARG A 204 -14.32 10.87 -5.03
C ARG A 204 -15.05 10.86 -3.70
N SER A 205 -14.50 10.11 -2.74
CA SER A 205 -15.02 10.07 -1.38
C SER A 205 -13.95 9.57 -0.42
N ALA A 206 -14.01 10.08 0.81
CA ALA A 206 -13.14 9.65 1.89
C ALA A 206 -13.44 8.19 2.28
N PRO A 207 -12.41 7.46 2.77
CA PRO A 207 -12.65 6.07 3.20
C PRO A 207 -13.49 6.00 4.47
N ASP A 208 -14.46 5.10 4.46
CA ASP A 208 -15.33 4.89 5.62
C ASP A 208 -14.63 4.00 6.69
N PRO A 209 -15.25 3.80 7.88
CA PRO A 209 -14.59 3.03 8.94
C PRO A 209 -14.18 1.60 8.58
N SER A 210 -14.87 0.96 7.63
CA SER A 210 -14.50 -0.38 7.19
C SER A 210 -13.12 -0.40 6.52
N VAL A 211 -12.83 0.63 5.72
CA VAL A 211 -11.53 0.78 5.08
C VAL A 211 -10.45 1.12 6.11
N ILE A 212 -10.72 2.13 6.95
CA ILE A 212 -9.77 2.59 7.97
C ILE A 212 -9.34 1.48 8.92
N THR A 213 -10.33 0.74 9.45
CA THR A 213 -10.03 -0.31 10.43
C THR A 213 -9.28 -1.49 9.81
N LEU A 214 -9.57 -1.81 8.54
CA LEU A 214 -8.78 -2.82 7.83
C LEU A 214 -7.33 -2.39 7.68
N GLU A 215 -7.12 -1.16 7.22
CA GLU A 215 -5.77 -0.58 7.10
C GLU A 215 -5.00 -0.67 8.41
N ASN A 216 -5.65 -0.20 9.48
CA ASN A 216 -5.03 -0.20 10.81
C ASN A 216 -4.75 -1.58 11.37
N SER A 217 -5.52 -2.57 10.92
CA SER A 217 -5.44 -3.93 11.45
C SER A 217 -4.63 -4.91 10.60
N TRP A 218 -4.03 -4.44 9.50
CA TRP A 218 -3.34 -5.36 8.57
C TRP A 218 -2.28 -6.21 9.24
N GLY A 219 -1.44 -5.58 10.06
CA GLY A 219 -0.38 -6.28 10.79
C GLY A 219 -0.94 -7.31 11.75
N ARG A 220 -1.95 -6.91 12.51
CA ARG A 220 -2.59 -7.76 13.51
C ARG A 220 -3.35 -8.92 12.88
N LEU A 221 -4.05 -8.66 11.77
CA LEU A 221 -4.73 -9.72 11.01
C LEU A 221 -3.72 -10.72 10.45
N SER A 222 -2.62 -10.23 9.87
CA SER A 222 -1.55 -11.09 9.36
C SER A 222 -1.02 -12.02 10.46
N THR A 223 -0.73 -11.46 11.64
CA THR A 223 -0.20 -12.25 12.75
C THR A 223 -1.23 -13.25 13.26
N ALA A 224 -2.48 -12.80 13.44
CA ALA A 224 -3.55 -13.67 13.93
C ALA A 224 -3.79 -14.87 13.02
N ILE A 225 -3.81 -14.64 11.72
CA ILE A 225 -3.97 -15.72 10.74
C ILE A 225 -2.80 -16.71 10.84
N GLN A 226 -1.58 -16.17 10.88
CA GLN A 226 -0.39 -17.01 10.90
C GLN A 226 -0.21 -17.78 12.20
N GLU A 227 -0.66 -17.20 13.30
CA GLU A 227 -0.63 -17.82 14.64
C GLU A 227 -1.85 -18.67 14.95
N SER A 228 -2.85 -18.67 14.05
CA SER A 228 -4.13 -19.32 14.30
C SER A 228 -3.99 -20.83 14.48
N ASN A 229 -4.94 -21.40 15.23
CA ASN A 229 -5.03 -22.84 15.37
C ASN A 229 -6.00 -23.36 14.33
N GLN A 230 -5.43 -23.86 13.22
CA GLN A 230 -6.21 -24.37 12.08
C GLN A 230 -7.19 -23.31 11.51
N GLY A 231 -6.79 -22.04 11.60
CA GLY A 231 -7.63 -20.93 11.15
C GLY A 231 -8.35 -20.17 12.24
N ALA A 232 -8.46 -20.77 13.44
CA ALA A 232 -9.18 -20.18 14.56
C ALA A 232 -8.28 -19.24 15.35
N PHE A 233 -8.72 -18.00 15.54
CA PHE A 233 -7.99 -16.99 16.31
C PHE A 233 -8.09 -17.30 17.79
N ALA A 234 -6.98 -17.17 18.52
CA ALA A 234 -7.01 -17.28 19.98
C ALA A 234 -7.72 -16.08 20.60
N SER A 235 -7.49 -14.91 20.01
CA SER A 235 -8.14 -13.67 20.41
C SER A 235 -8.85 -13.08 19.20
N PRO A 236 -10.15 -12.71 19.35
CA PRO A 236 -10.85 -12.08 18.23
C PRO A 236 -10.31 -10.68 17.92
N ILE A 237 -10.42 -10.28 16.66
CA ILE A 237 -10.05 -8.93 16.22
C ILE A 237 -11.31 -8.16 15.87
N GLN A 238 -11.43 -6.96 16.43
CA GLN A 238 -12.57 -6.09 16.18
C GLN A 238 -12.29 -5.18 14.99
N LEU A 239 -13.17 -5.26 13.99
CA LEU A 239 -13.16 -4.33 12.87
C LEU A 239 -14.43 -3.50 12.93
N GLN A 240 -14.57 -2.57 12.00
CA GLN A 240 -15.80 -1.78 11.90
C GLN A 240 -16.46 -1.97 10.54
N ARG A 241 -17.80 -1.94 10.56
CA ARG A 241 -18.60 -1.92 9.34
C ARG A 241 -18.59 -0.50 8.75
N ARG A 242 -19.23 -0.34 7.60
CA ARG A 242 -19.35 0.94 6.90
C ARG A 242 -19.99 2.04 7.77
N ASN A 243 -20.94 1.65 8.61
CA ASN A 243 -21.65 2.57 9.53
C ASN A 243 -20.94 2.80 10.87
N GLY A 244 -19.78 2.16 11.04
CA GLY A 244 -18.96 2.33 12.26
C GLY A 244 -19.18 1.31 13.35
N SER A 245 -20.21 0.47 13.18
CA SER A 245 -20.54 -0.60 14.14
C SER A 245 -19.49 -1.72 14.11
N LYS A 246 -19.38 -2.43 15.22
CA LYS A 246 -18.35 -3.45 15.41
C LYS A 246 -18.60 -4.74 14.62
N PHE A 247 -17.51 -5.29 14.08
CA PHE A 247 -17.51 -6.58 13.40
C PHE A 247 -16.38 -7.43 13.99
N SER A 248 -16.75 -8.52 14.66
CA SER A 248 -15.78 -9.40 15.32
C SER A 248 -15.28 -10.49 14.36
N VAL A 249 -13.96 -10.61 14.29
CA VAL A 249 -13.30 -11.62 13.46
C VAL A 249 -12.71 -12.70 14.36
N TYR A 250 -13.22 -13.92 14.18
CA TYR A 250 -12.82 -15.07 15.00
C TYR A 250 -11.98 -16.08 14.24
N ASP A 251 -11.92 -15.93 12.91
CA ASP A 251 -11.42 -16.99 12.05
C ASP A 251 -10.94 -16.41 10.73
N VAL A 252 -9.93 -17.06 10.15
CA VAL A 252 -9.43 -16.71 8.80
C VAL A 252 -10.52 -16.78 7.71
N SER A 253 -11.48 -17.68 7.87
CA SER A 253 -12.47 -17.99 6.82
C SER A 253 -13.18 -16.74 6.30
N ILE A 254 -13.59 -15.88 7.22
CA ILE A 254 -14.32 -14.65 6.91
C ILE A 254 -13.45 -13.61 6.18
N LEU A 255 -12.13 -13.79 6.27
CA LEU A 255 -11.16 -12.85 5.70
C LEU A 255 -10.69 -13.21 4.30
N ILE A 256 -10.95 -14.44 3.87
CA ILE A 256 -10.53 -14.91 2.54
C ILE A 256 -10.98 -13.97 1.38
N PRO A 257 -12.24 -13.46 1.40
CA PRO A 257 -12.60 -12.49 0.35
C PRO A 257 -12.12 -11.04 0.60
N ILE A 258 -11.47 -10.81 1.74
CA ILE A 258 -11.17 -9.45 2.23
CA ILE A 258 -11.17 -9.45 2.23
C ILE A 258 -9.68 -9.10 2.10
N ILE A 259 -8.81 -10.02 2.54
CA ILE A 259 -7.36 -9.80 2.59
C ILE A 259 -6.67 -10.60 1.49
N ALA A 260 -5.89 -9.90 0.67
CA ALA A 260 -5.21 -10.49 -0.49
C ALA A 260 -3.78 -10.90 -0.22
N LEU A 261 -3.13 -10.19 0.70
CA LEU A 261 -1.72 -10.38 1.03
C LEU A 261 -1.50 -10.18 2.51
N MET A 262 -0.57 -10.96 3.08
CA MET A 262 -0.15 -10.78 4.47
C MET A 262 1.34 -10.48 4.56
N VAL A 263 1.73 -9.67 5.53
CA VAL A 263 3.14 -9.52 5.90
C VAL A 263 3.60 -10.80 6.61
N TYR A 264 4.81 -11.25 6.29
CA TYR A 264 5.39 -12.46 6.91
C TYR A 264 5.68 -12.20 8.37
N ARG A 265 5.23 -13.12 9.23
CA ARG A 265 5.50 -13.05 10.66
C ARG A 265 6.32 -14.22 11.16
N CYS A 266 6.13 -15.39 10.53
CA CYS A 266 6.74 -16.65 10.94
C CYS A 266 6.61 -17.67 9.82
N ALA A 267 7.43 -18.74 9.89
CA ALA A 267 7.22 -19.92 9.08
C ALA A 267 5.93 -20.61 9.54
N PRO A 268 5.15 -21.17 8.60
CA PRO A 268 3.90 -21.83 9.02
C PRO A 268 4.19 -23.08 9.86
N PRO A 269 3.32 -23.39 10.85
CA PRO A 269 3.46 -24.63 11.60
C PRO A 269 3.28 -25.85 10.68
N PRO A 270 3.89 -27.01 11.02
CA PRO A 270 3.77 -28.22 10.19
C PRO A 270 2.33 -28.54 9.80
N SER A 271 2.15 -29.12 8.61
CA SER A 271 0.84 -29.49 8.08
C SER A 271 0.01 -30.24 9.11
N SER A 272 -1.12 -29.65 9.50
CA SER A 272 -1.92 -30.12 10.62
C SER A 272 -2.80 -31.35 10.32
N GLN A 273 -2.67 -31.90 9.10
CA GLN A 273 -3.55 -32.97 8.59
C GLN A 273 -3.72 -34.19 9.49
N PHE A 274 -4.98 -34.59 9.69
CA PHE A 274 -5.36 -35.76 10.47
C PHE A 274 -5.08 -37.04 9.68
#